data_6E93
#
_entry.id   6E93
#
_cell.length_a   70.804
_cell.length_b   77.270
_cell.length_c   103.756
_cell.angle_alpha   90.00
_cell.angle_beta   90.00
_cell.angle_gamma   90.00
#
_symmetry.space_group_name_H-M   'C 2 2 21'
#
loop_
_entity.id
_entity.type
_entity.pdbx_description
1 polymer 'Zinc finger and BTB domain-containing protein 38'
2 polymer "DNA (5'-D(*GP*TP*CP*TP*GP*(DCM)P*GP*CP*(DCM)P*GP*AP*TP*GP*AP*GP*TP*GP*C)-3')"
3 polymer "DNA (5'-D(*GP*CP*AP*CP*TP*CP*AP*TP*(DCM)P*GP*GP*(DCM)P*GP*CP*AP*GP*AP*C)-3')"
4 non-polymer 'ZINC ION'
5 water water
#
loop_
_entity_poly.entity_id
_entity_poly.type
_entity_poly.pdbx_seq_one_letter_code
_entity_poly.pdbx_strand_id
1 'polypeptide(L)'
;TSRPYACELCAKQFQSPSTLKMHMRCHTGEKPYQCKTCGRCFSVQGNLQKHERIHLGLKEFVCQYCNKAFTLNETLKIHE
RIHTGEKRYHCQFCFQRFLYLSTKRNHEQRHIREHNGKG
;
A
2 'polydeoxyribonucleotide' (DG)(DT)(DC)(DT)(DG)(5CM)(DG)(DC)(5CM)(DG)(DA)(DT)(DG)(DA)(DG)(DT)(DG)(DC) C
3 'polydeoxyribonucleotide' (DG)(DC)(DA)(DC)(DT)(DC)(DA)(DT)(5CM)(DG)(DG)(5CM)(DG)(DC)(DA)(DG)(DA)(DC) D
#
# COMPACT_ATOMS: atom_id res chain seq x y z
N PRO A 4 -23.66 0.42 7.88
CA PRO A 4 -24.80 0.96 7.10
C PRO A 4 -25.18 0.03 5.94
N TYR A 5 -24.18 -0.39 5.16
CA TYR A 5 -24.33 -1.41 4.13
C TYR A 5 -23.43 -2.58 4.50
N ALA A 6 -24.01 -3.71 4.85
CA ALA A 6 -23.25 -4.83 5.36
C ALA A 6 -23.04 -5.89 4.28
N CYS A 7 -21.88 -6.55 4.33
CA CYS A 7 -21.57 -7.61 3.39
C CYS A 7 -22.23 -8.91 3.83
N GLU A 8 -23.02 -9.50 2.93
CA GLU A 8 -23.70 -10.76 3.20
C GLU A 8 -22.74 -11.91 3.44
N LEU A 9 -21.46 -11.75 3.14
CA LEU A 9 -20.53 -12.88 3.15
C LEU A 9 -19.47 -12.81 4.24
N CYS A 10 -19.24 -11.64 4.86
CA CYS A 10 -18.18 -11.58 5.87
C CYS A 10 -18.44 -10.57 6.99
N ALA A 11 -19.60 -9.93 7.03
CA ALA A 11 -20.05 -9.03 8.11
C ALA A 11 -19.36 -7.67 8.13
N LYS A 12 -18.28 -7.47 7.36
CA LYS A 12 -17.75 -6.11 7.21
C LYS A 12 -18.86 -5.17 6.73
N GLN A 13 -18.75 -3.89 7.11
CA GLN A 13 -19.80 -2.91 6.82
C GLN A 13 -19.21 -1.69 6.12
N PHE A 14 -20.05 -1.05 5.29
CA PHE A 14 -19.59 -0.03 4.35
C PHE A 14 -20.59 1.12 4.28
N GLN A 15 -20.11 2.25 3.72
CA GLN A 15 -20.85 3.51 3.81
C GLN A 15 -21.92 3.62 2.74
N SER A 16 -21.70 3.07 1.56
CA SER A 16 -22.54 3.37 0.41
C SER A 16 -22.67 2.15 -0.48
N PRO A 17 -23.66 2.14 -1.38
CA PRO A 17 -23.73 1.07 -2.38
C PRO A 17 -22.43 0.90 -3.15
N SER A 18 -21.76 2.00 -3.51
CA SER A 18 -20.57 1.88 -4.35
C SER A 18 -19.41 1.23 -3.61
N THR A 19 -19.23 1.53 -2.32
CA THR A 19 -18.14 0.89 -1.59
C THR A 19 -18.44 -0.56 -1.25
N LEU A 20 -19.71 -0.91 -1.03
CA LEU A 20 -20.09 -2.30 -0.90
C LEU A 20 -19.86 -3.06 -2.21
N LYS A 21 -20.32 -2.48 -3.32
CA LYS A 21 -20.07 -3.08 -4.63
C LYS A 21 -18.59 -3.35 -4.83
N MET A 22 -17.74 -2.41 -4.43
CA MET A 22 -16.30 -2.60 -4.58
C MET A 22 -15.80 -3.75 -3.71
N HIS A 23 -16.25 -3.79 -2.45
CA HIS A 23 -15.83 -4.86 -1.54
C HIS A 23 -16.23 -6.23 -2.07
N MET A 24 -17.42 -6.33 -2.67
CA MET A 24 -17.88 -7.64 -3.13
C MET A 24 -16.95 -8.23 -4.18
N ARG A 25 -16.12 -7.39 -4.82
CA ARG A 25 -15.17 -7.92 -5.79
C ARG A 25 -14.10 -8.76 -5.13
N CYS A 26 -13.87 -8.57 -3.82
CA CYS A 26 -12.96 -9.45 -3.12
C CYS A 26 -13.50 -10.87 -3.06
N HIS A 27 -14.83 -11.02 -3.10
CA HIS A 27 -15.46 -12.33 -3.01
C HIS A 27 -15.78 -12.93 -4.37
N THR A 28 -16.08 -12.11 -5.37
CA THR A 28 -16.37 -12.62 -6.70
C THR A 28 -15.12 -12.74 -7.56
N GLY A 29 -14.03 -12.07 -7.19
CA GLY A 29 -12.88 -11.99 -8.06
C GLY A 29 -13.09 -11.19 -9.34
N GLU A 30 -14.19 -10.45 -9.44
CA GLU A 30 -14.41 -9.61 -10.61
C GLU A 30 -13.37 -8.50 -10.68
N LYS A 31 -12.82 -8.29 -11.88
CA LYS A 31 -11.79 -7.26 -12.09
C LYS A 31 -12.12 -6.50 -13.35
N PRO A 32 -12.94 -5.46 -13.26
CA PRO A 32 -13.51 -4.85 -14.47
C PRO A 32 -12.52 -4.05 -15.29
N TYR A 33 -11.40 -3.62 -14.71
CA TYR A 33 -10.58 -2.57 -15.30
C TYR A 33 -9.31 -3.20 -15.88
N GLN A 34 -9.22 -3.23 -17.20
CA GLN A 34 -8.17 -3.97 -17.89
C GLN A 34 -7.11 -3.07 -18.49
N CYS A 35 -5.84 -3.42 -18.25
CA CYS A 35 -4.74 -2.66 -18.82
C CYS A 35 -4.71 -2.89 -20.32
N LYS A 36 -4.71 -1.80 -21.09
CA LYS A 36 -4.77 -1.94 -22.54
C LYS A 36 -3.46 -2.42 -23.13
N THR A 37 -2.37 -2.42 -22.37
CA THR A 37 -1.11 -2.89 -22.91
C THR A 37 -0.93 -4.39 -22.69
N CYS A 38 -1.02 -4.84 -21.43
CA CYS A 38 -0.68 -6.22 -21.12
C CYS A 38 -1.88 -7.08 -20.80
N GLY A 39 -3.07 -6.49 -20.67
CA GLY A 39 -4.25 -7.27 -20.44
C GLY A 39 -4.54 -7.61 -18.99
N ARG A 40 -3.66 -7.27 -18.06
CA ARG A 40 -3.93 -7.54 -16.65
C ARG A 40 -5.17 -6.75 -16.21
N CYS A 41 -6.02 -7.39 -15.42
CA CYS A 41 -7.25 -6.78 -14.96
C CYS A 41 -7.18 -6.44 -13.48
N PHE A 42 -7.95 -5.42 -13.08
CA PHE A 42 -7.91 -4.92 -11.71
C PHE A 42 -9.32 -4.73 -11.17
N SER A 43 -9.47 -4.95 -9.87
CA SER A 43 -10.75 -4.68 -9.21
C SER A 43 -11.01 -3.20 -8.99
N VAL A 44 -9.96 -2.37 -8.99
CA VAL A 44 -10.05 -0.97 -8.58
C VAL A 44 -9.43 -0.12 -9.67
N GLN A 45 -10.19 0.84 -10.19
CA GLN A 45 -9.68 1.67 -11.28
C GLN A 45 -8.39 2.39 -10.89
N GLY A 46 -8.31 2.91 -9.67
CA GLY A 46 -7.11 3.62 -9.26
C GLY A 46 -5.89 2.71 -9.24
N ASN A 47 -6.09 1.41 -9.00
CA ASN A 47 -4.96 0.49 -8.99
C ASN A 47 -4.47 0.22 -10.41
N LEU A 48 -5.40 0.14 -11.39
CA LEU A 48 -4.99 0.03 -12.78
C LEU A 48 -4.16 1.23 -13.19
N GLN A 49 -4.59 2.43 -12.78
CA GLN A 49 -3.88 3.64 -13.18
C GLN A 49 -2.45 3.66 -12.66
N LYS A 50 -2.23 3.18 -11.42
CA LYS A 50 -0.85 3.03 -10.94
C LYS A 50 -0.08 2.06 -11.83
N HIS A 51 -0.71 0.93 -12.14
CA HIS A 51 -0.07 -0.08 -12.96
C HIS A 51 0.31 0.48 -14.32
N GLU A 52 -0.57 1.28 -14.91
CA GLU A 52 -0.31 1.77 -16.25
C GLU A 52 0.95 2.64 -16.30
N ARG A 53 1.29 3.29 -15.18
CA ARG A 53 2.51 4.09 -15.18
C ARG A 53 3.74 3.25 -15.48
N ILE A 54 3.70 1.96 -15.16
CA ILE A 54 4.84 1.10 -15.42
C ILE A 54 5.13 1.04 -16.92
N HIS A 55 4.08 0.90 -17.73
CA HIS A 55 4.27 0.80 -19.17
C HIS A 55 4.74 2.13 -19.76
N LEU A 56 4.35 3.26 -19.18
CA LEU A 56 4.80 4.55 -19.73
C LEU A 56 6.30 4.75 -19.56
N GLY A 57 6.89 4.21 -18.50
CA GLY A 57 8.31 4.38 -18.26
C GLY A 57 8.74 5.76 -17.87
N LEU A 58 7.81 6.67 -17.60
CA LEU A 58 8.13 8.00 -17.06
C LEU A 58 8.13 7.90 -15.54
N LYS A 59 9.31 7.97 -14.94
CA LYS A 59 9.40 8.00 -13.49
C LYS A 59 9.24 9.45 -13.07
N GLU A 60 7.99 9.85 -12.80
CA GLU A 60 7.63 11.25 -12.62
C GLU A 60 7.83 11.77 -11.21
N PHE A 61 8.05 10.89 -10.23
CA PHE A 61 8.12 11.32 -8.84
C PHE A 61 9.59 11.33 -8.42
N VAL A 62 10.12 12.52 -8.16
CA VAL A 62 11.55 12.75 -8.02
C VAL A 62 11.84 13.19 -6.59
N CYS A 63 12.85 12.57 -5.98
CA CYS A 63 13.23 12.88 -4.60
C CYS A 63 13.86 14.27 -4.50
N GLN A 64 13.32 15.10 -3.61
CA GLN A 64 13.82 16.45 -3.43
C GLN A 64 15.18 16.50 -2.75
N TYR A 65 15.67 15.38 -2.21
CA TYR A 65 16.93 15.35 -1.49
C TYR A 65 18.07 14.79 -2.33
N CYS A 66 17.84 13.69 -3.05
CA CYS A 66 18.89 13.09 -3.88
C CYS A 66 18.56 13.03 -5.36
N ASN A 67 17.33 13.36 -5.77
CA ASN A 67 16.91 13.49 -7.17
C ASN A 67 16.66 12.14 -7.83
N LYS A 68 16.66 11.03 -7.09
CA LYS A 68 16.26 9.76 -7.69
C LYS A 68 14.78 9.80 -8.03
N ALA A 69 14.40 9.15 -9.13
CA ALA A 69 13.04 9.17 -9.64
C ALA A 69 12.36 7.82 -9.45
N PHE A 70 11.04 7.86 -9.25
CA PHE A 70 10.27 6.67 -8.96
C PHE A 70 8.99 6.66 -9.78
N THR A 71 8.45 5.47 -10.00
CA THR A 71 7.25 5.34 -10.82
C THR A 71 6.01 5.86 -10.09
N LEU A 72 5.93 5.63 -8.77
CA LEU A 72 4.73 5.98 -8.01
C LEU A 72 5.05 6.98 -6.90
N ASN A 73 4.05 7.82 -6.60
CA ASN A 73 4.18 8.77 -5.51
C ASN A 73 4.44 8.06 -4.18
N GLU A 74 3.68 6.99 -3.90
CA GLU A 74 3.89 6.27 -2.65
C GLU A 74 5.30 5.73 -2.53
N THR A 75 5.88 5.27 -3.64
CA THR A 75 7.23 4.73 -3.60
C THR A 75 8.24 5.82 -3.30
N LEU A 76 8.08 6.98 -3.94
CA LEU A 76 8.89 8.14 -3.60
C LEU A 76 8.79 8.47 -2.11
N LYS A 77 7.57 8.51 -1.56
CA LYS A 77 7.41 8.97 -0.18
C LYS A 77 8.09 8.02 0.80
N ILE A 78 7.96 6.71 0.56
CA ILE A 78 8.66 5.74 1.41
C ILE A 78 10.15 5.96 1.33
N HIS A 79 10.65 6.25 0.13
CA HIS A 79 12.07 6.50 -0.02
C HIS A 79 12.52 7.73 0.74
N GLU A 80 11.73 8.81 0.72
CA GLU A 80 12.17 10.05 1.34
C GLU A 80 12.31 9.92 2.85
N ARG A 81 11.60 8.97 3.47
CA ARG A 81 11.80 8.70 4.90
C ARG A 81 13.27 8.48 5.25
N ILE A 82 14.03 7.91 4.32
CA ILE A 82 15.46 7.69 4.57
C ILE A 82 16.13 9.01 4.87
N HIS A 83 15.78 10.06 4.13
CA HIS A 83 16.42 11.36 4.28
C HIS A 83 15.88 12.12 5.49
N THR A 84 14.56 12.09 5.70
CA THR A 84 13.97 12.88 6.78
C THR A 84 14.20 12.26 8.14
N GLY A 85 14.59 11.00 8.21
CA GLY A 85 14.73 10.32 9.48
C GLY A 85 13.42 9.85 10.07
N GLU A 86 12.32 9.91 9.32
CA GLU A 86 11.05 9.47 9.86
C GLU A 86 11.10 7.98 10.17
N LYS A 87 10.83 7.63 11.42
CA LYS A 87 10.80 6.23 11.83
C LYS A 87 9.42 6.00 12.43
N ARG A 88 8.47 5.60 11.58
CA ARG A 88 7.09 5.55 12.02
C ARG A 88 6.69 4.23 12.65
N TYR A 89 7.59 3.25 12.72
CA TYR A 89 7.23 1.94 13.28
C TYR A 89 7.84 1.85 14.68
N HIS A 90 6.99 1.92 15.70
CA HIS A 90 7.41 2.01 17.11
C HIS A 90 7.41 0.64 17.74
N CYS A 91 8.49 0.27 18.44
CA CYS A 91 8.41 -0.92 19.27
C CYS A 91 7.38 -0.66 20.36
N GLN A 92 6.53 -1.66 20.62
CA GLN A 92 5.55 -1.49 21.70
C GLN A 92 6.13 -1.70 23.08
N PHE A 93 7.38 -2.20 23.19
CA PHE A 93 7.95 -2.50 24.49
C PHE A 93 9.05 -1.56 24.94
N CYS A 94 9.55 -0.68 24.08
CA CYS A 94 10.69 0.15 24.46
C CYS A 94 10.72 1.40 23.59
N PHE A 95 11.72 2.24 23.83
CA PHE A 95 11.88 3.51 23.13
C PHE A 95 12.21 3.37 21.65
N GLN A 96 12.63 2.20 21.16
CA GLN A 96 13.18 2.09 19.81
C GLN A 96 12.13 2.35 18.73
N ARG A 97 12.56 3.07 17.69
CA ARG A 97 11.72 3.42 16.55
C ARG A 97 12.42 2.96 15.28
N PHE A 98 11.63 2.55 14.26
CA PHE A 98 12.23 1.93 13.08
C PHE A 98 11.73 2.53 11.78
N LEU A 99 12.65 2.61 10.82
CA LEU A 99 12.30 3.01 9.46
C LEU A 99 11.39 1.97 8.79
N TYR A 100 11.70 0.68 8.96
CA TYR A 100 10.97 -0.39 8.29
C TYR A 100 10.17 -1.25 9.26
N LEU A 101 8.97 -1.61 8.82
CA LEU A 101 8.08 -2.45 9.62
C LEU A 101 8.70 -3.82 9.89
N SER A 102 9.35 -4.42 8.89
CA SER A 102 9.90 -5.76 9.08
C SER A 102 10.93 -5.77 10.20
N THR A 103 11.76 -4.73 10.26
CA THR A 103 12.77 -4.61 11.30
C THR A 103 12.14 -4.43 12.68
N LYS A 104 11.13 -3.55 12.79
CA LYS A 104 10.42 -3.43 14.06
C LYS A 104 9.83 -4.77 14.49
N ARG A 105 9.23 -5.51 13.55
CA ARG A 105 8.60 -6.76 13.91
C ARG A 105 9.61 -7.76 14.46
N ASN A 106 10.77 -7.88 13.80
CA ASN A 106 11.79 -8.79 14.30
C ASN A 106 12.31 -8.35 15.67
N HIS A 107 12.44 -7.04 15.88
CA HIS A 107 12.93 -6.55 17.17
C HIS A 107 11.93 -6.87 18.28
N GLU A 108 10.63 -6.71 18.01
CA GLU A 108 9.64 -7.04 19.03
C GLU A 108 9.67 -8.52 19.37
N GLN A 109 9.86 -9.38 18.36
CA GLN A 109 9.94 -10.82 18.60
C GLN A 109 11.08 -11.17 19.54
N ARG A 110 12.19 -10.42 19.48
CA ARG A 110 13.28 -10.65 20.42
C ARG A 110 12.88 -10.31 21.85
N HIS A 111 12.09 -9.25 22.04
CA HIS A 111 11.56 -8.99 23.38
C HIS A 111 10.77 -10.20 23.86
N ILE A 112 9.91 -10.73 22.99
CA ILE A 112 9.00 -11.79 23.40
C ILE A 112 9.75 -13.07 23.73
N ARG A 113 10.74 -13.42 22.91
CA ARG A 113 11.55 -14.59 23.24
C ARG A 113 12.24 -14.45 24.59
N GLU A 114 12.54 -13.22 25.01
CA GLU A 114 13.02 -13.02 26.38
C GLU A 114 11.90 -13.05 27.41
N HIS A 115 10.64 -13.07 26.97
CA HIS A 115 9.46 -13.03 27.83
C HIS A 115 9.18 -11.61 28.30
#